data_5K1K
#
_entry.id   5K1K
#
_cell.length_a   52.090
_cell.length_b   54.660
_cell.length_c   103.750
_cell.angle_alpha   90.00
_cell.angle_beta   90.00
_cell.angle_gamma   90.00
#
_symmetry.space_group_name_H-M   'P 21 21 21'
#
loop_
_entity.id
_entity.type
_entity.pdbx_description
1 polymer 'NAD(P)H:flavin oxidoreductase Sye4'
2 non-polymer 'FLAVIN MONONUCLEOTIDE'
3 non-polymer P-HYDROXYBENZALDEHYDE
4 non-polymer Octadecane
5 water water
#
_entity_poly.entity_id   1
_entity_poly.type   'polypeptide(L)'
_entity_poly.pdbx_seq_one_letter_code
;MTIENTVNSVENLFDTYKLNDTITLKNRILMAPLTRCMADANLVPTDDMVAYYARRAEAGLIISEATIIRPDAQGYPNTP
GIFTQAQIAGWRKVTDAVHANGGKIFVQLWHTGRVAHPHFFGGGDVLAPSAQKIEGSVPRMRELTYVTPKAVTVEDIQGL
VRDYAKAAENVIEAGFDGVEIHGANGYLIDQFLHHDSNRRTDEYGGTPVNMSRFALEVVDAIIARIGHDRTGLRISPGAY
FNMASDSRDRVVFDYLLPELEKRDLAFVHIGIFDDSIEFDYLGGTASSYVRAHYGKTLVGVGSYSAETASKAIAEDKFDL
IAIGRPFIANPDYVAKVRNSEELVAYSDEMLASLI
;
_entity_poly.pdbx_strand_id   A
#
loop_
_chem_comp.id
_chem_comp.type
_chem_comp.name
_chem_comp.formula
8K6 non-polymer Octadecane 'C18 H38'
FMN non-polymer 'FLAVIN MONONUCLEOTIDE' 'C17 H21 N4 O9 P'
HBA non-polymer P-HYDROXYBENZALDEHYDE 'C7 H6 O2'
#
# COMPACT_ATOMS: atom_id res chain seq x y z
N SER A 9 -17.16 19.67 -13.81
CA SER A 9 -16.24 19.05 -14.74
C SER A 9 -15.01 18.49 -14.04
N VAL A 10 -14.62 17.28 -14.40
CA VAL A 10 -13.47 16.61 -13.78
C VAL A 10 -12.47 16.28 -14.88
N GLU A 11 -12.37 17.17 -15.86
CA GLU A 11 -11.50 16.96 -17.00
CA GLU A 11 -11.49 16.99 -17.00
C GLU A 11 -10.04 16.72 -16.58
N ASN A 12 -9.60 17.38 -15.52
CA ASN A 12 -8.20 17.23 -15.11
C ASN A 12 -7.86 15.82 -14.67
N LEU A 13 -8.86 15.03 -14.30
CA LEU A 13 -8.57 13.64 -13.93
C LEU A 13 -8.08 12.85 -15.14
N PHE A 14 -8.31 13.36 -16.34
CA PHE A 14 -7.95 12.66 -17.56
C PHE A 14 -6.69 13.23 -18.21
N ASP A 15 -6.01 14.13 -17.48
CA ASP A 15 -4.69 14.62 -17.89
C ASP A 15 -3.69 13.48 -17.89
N THR A 16 -2.83 13.43 -18.88
CA THR A 16 -1.71 12.52 -18.74
CA THR A 16 -1.64 12.60 -18.82
C THR A 16 -0.80 13.06 -17.65
N TYR A 17 -0.15 12.14 -16.95
CA TYR A 17 0.69 12.52 -15.84
C TYR A 17 2.02 11.78 -15.94
N LYS A 18 3.08 12.54 -16.21
CA LYS A 18 4.40 11.94 -16.25
C LYS A 18 4.93 11.74 -14.84
N LEU A 19 5.00 10.50 -14.41
CA LEU A 19 5.55 10.22 -13.09
C LEU A 19 7.03 10.51 -13.09
N ASN A 20 7.68 10.14 -14.18
CA ASN A 20 9.12 10.28 -14.25
C ASN A 20 9.54 9.87 -15.65
N ASP A 21 10.84 9.76 -15.89
CA ASP A 21 11.32 9.43 -17.22
C ASP A 21 10.94 8.02 -17.68
N THR A 22 10.61 7.13 -16.72
CA THR A 22 10.30 5.74 -17.05
C THR A 22 8.82 5.52 -17.32
N ILE A 23 7.96 6.22 -16.57
CA ILE A 23 6.54 5.94 -16.58
C ILE A 23 5.71 7.20 -16.76
N THR A 24 4.81 7.14 -17.74
CA THR A 24 3.78 8.15 -17.91
C THR A 24 2.43 7.48 -17.80
N LEU A 25 1.56 8.05 -16.99
CA LEU A 25 0.21 7.52 -16.79
C LEU A 25 -0.78 8.20 -17.72
N LYS A 26 -1.73 7.43 -18.23
CA LYS A 26 -2.67 7.96 -19.21
C LYS A 26 -3.75 8.85 -18.58
N ASN A 27 -3.94 8.73 -17.28
CA ASN A 27 -4.81 9.64 -16.53
C ASN A 27 -4.34 9.67 -15.08
N ARG A 28 -5.01 10.45 -14.25
CA ARG A 28 -4.61 10.66 -12.86
C ARG A 28 -5.30 9.70 -11.90
N ILE A 29 -6.09 8.76 -12.41
CA ILE A 29 -6.87 7.90 -11.56
C ILE A 29 -6.11 6.60 -11.29
N LEU A 30 -5.88 6.36 -10.01
CA LEU A 30 -5.30 5.11 -9.56
C LEU A 30 -6.38 4.21 -8.97
N MET A 31 -6.27 2.90 -9.21
CA MET A 31 -7.01 1.95 -8.40
C MET A 31 -6.26 1.74 -7.09
N ALA A 32 -6.86 2.12 -5.97
CA ALA A 32 -6.24 1.94 -4.69
C ALA A 32 -5.99 0.46 -4.41
N PRO A 33 -5.00 0.17 -3.56
CA PRO A 33 -4.77 -1.22 -3.17
C PRO A 33 -5.92 -1.74 -2.31
N LEU A 34 -6.46 -2.90 -2.70
CA LEU A 34 -7.64 -3.47 -2.04
C LEU A 34 -7.49 -4.97 -1.84
N THR A 35 -7.21 -5.35 -0.61
CA THR A 35 -7.18 -6.74 -0.20
C THR A 35 -8.54 -7.39 -0.46
N ARG A 36 -8.52 -8.51 -1.15
CA ARG A 36 -9.75 -9.23 -1.47
C ARG A 36 -9.82 -10.63 -0.89
N CYS A 37 -8.68 -11.18 -0.51
CA CYS A 37 -8.65 -12.51 0.11
C CYS A 37 -9.18 -13.59 -0.81
N MET A 38 -8.77 -13.56 -2.08
CA MET A 38 -9.26 -14.47 -3.12
CA MET A 38 -9.26 -14.60 -2.98
C MET A 38 -8.18 -15.28 -3.82
N ALA A 39 -6.95 -15.23 -3.32
CA ALA A 39 -5.91 -16.04 -3.93
C ALA A 39 -6.08 -17.51 -3.54
N ASP A 40 -5.38 -18.40 -4.23
CA ASP A 40 -5.56 -19.81 -3.95
C ASP A 40 -4.80 -20.25 -2.69
N ALA A 41 -4.84 -21.55 -2.39
CA ALA A 41 -4.30 -22.03 -1.13
C ALA A 41 -2.80 -21.89 -1.06
N ASN A 42 -2.17 -21.74 -2.21
CA ASN A 42 -0.72 -21.51 -2.29
C ASN A 42 -0.39 -20.04 -2.39
N LEU A 43 -1.40 -19.21 -2.16
CA LEU A 43 -1.33 -17.74 -2.28
C LEU A 43 -0.90 -17.27 -3.68
N VAL A 44 -1.27 -18.06 -4.67
CA VAL A 44 -1.05 -17.73 -6.07
C VAL A 44 -2.27 -17.00 -6.62
N PRO A 45 -2.05 -15.89 -7.33
CA PRO A 45 -3.17 -15.21 -7.99
C PRO A 45 -3.92 -16.18 -8.91
N THR A 46 -5.23 -16.10 -8.86
CA THR A 46 -6.07 -16.97 -9.65
C THR A 46 -6.41 -16.30 -10.99
N ASP A 47 -6.93 -17.11 -11.89
CA ASP A 47 -7.42 -16.57 -13.15
C ASP A 47 -8.62 -15.63 -12.98
N ASP A 48 -9.39 -15.80 -11.90
CA ASP A 48 -10.43 -14.82 -11.58
C ASP A 48 -9.82 -13.46 -11.19
N MET A 49 -8.72 -13.50 -10.44
CA MET A 49 -8.01 -12.27 -10.16
C MET A 49 -7.43 -11.62 -11.42
N VAL A 50 -6.95 -12.44 -12.34
CA VAL A 50 -6.48 -11.90 -13.61
C VAL A 50 -7.58 -11.09 -14.29
N ALA A 51 -8.78 -11.66 -14.35
CA ALA A 51 -9.88 -10.99 -15.04
C ALA A 51 -10.32 -9.72 -14.30
N TYR A 52 -10.31 -9.80 -12.96
CA TYR A 52 -10.67 -8.69 -12.09
C TYR A 52 -9.77 -7.46 -12.31
N TYR A 53 -8.47 -7.67 -12.33
CA TYR A 53 -7.55 -6.56 -12.58
C TYR A 53 -7.64 -6.10 -14.04
N ALA A 54 -7.74 -7.04 -14.97
CA ALA A 54 -7.74 -6.70 -16.37
C ALA A 54 -8.88 -5.76 -16.70
N ARG A 55 -10.02 -5.91 -16.05
CA ARG A 55 -11.14 -5.06 -16.41
C ARG A 55 -11.05 -3.67 -15.81
N ARG A 56 -10.01 -3.42 -15.04
CA ARG A 56 -9.80 -2.09 -14.46
C ARG A 56 -8.62 -1.37 -15.08
N ALA A 57 -8.16 -1.89 -16.21
CA ALA A 57 -6.97 -1.37 -16.91
C ALA A 57 -7.16 0.03 -17.52
N GLU A 58 -8.36 0.61 -17.49
CA GLU A 58 -8.51 2.02 -17.85
C GLU A 58 -7.95 2.97 -16.80
N ALA A 59 -7.72 2.47 -15.59
CA ALA A 59 -7.06 3.28 -14.58
C ALA A 59 -5.68 3.69 -15.11
N GLY A 60 -5.27 4.90 -14.81
CA GLY A 60 -3.91 5.32 -15.12
C GLY A 60 -2.88 4.38 -14.54
N LEU A 61 -3.15 3.89 -13.34
CA LEU A 61 -2.26 2.95 -12.67
C LEU A 61 -3.08 2.16 -11.68
N ILE A 62 -2.95 0.85 -11.71
CA ILE A 62 -3.51 -0.01 -10.66
C ILE A 62 -2.46 -0.25 -9.59
N ILE A 63 -2.82 -0.07 -8.32
CA ILE A 63 -2.02 -0.60 -7.23
C ILE A 63 -2.68 -1.91 -6.78
N SER A 64 -1.93 -3.02 -6.85
CA SER A 64 -2.51 -4.28 -6.47
C SER A 64 -2.87 -4.30 -4.99
N GLU A 65 -3.73 -5.26 -4.66
CA GLU A 65 -3.93 -5.64 -3.29
C GLU A 65 -2.57 -5.91 -2.63
N ALA A 66 -2.54 -5.67 -1.34
CA ALA A 66 -1.35 -5.96 -0.54
C ALA A 66 -0.89 -7.42 -0.76
N THR A 67 0.39 -7.60 -1.05
CA THR A 67 0.95 -8.86 -1.47
C THR A 67 2.12 -9.19 -0.56
N ILE A 68 2.05 -10.33 0.11
CA ILE A 68 3.02 -10.64 1.17
C ILE A 68 4.38 -11.03 0.61
N ILE A 69 5.41 -10.60 1.33
CA ILE A 69 6.79 -10.85 0.90
C ILE A 69 7.35 -12.19 1.36
N ARG A 70 6.74 -12.82 2.36
CA ARG A 70 7.21 -14.12 2.87
C ARG A 70 6.12 -14.64 3.82
N PRO A 71 6.23 -15.91 4.23
CA PRO A 71 5.08 -16.51 4.93
C PRO A 71 4.66 -15.80 6.25
N ASP A 72 5.60 -15.36 7.07
CA ASP A 72 5.25 -14.77 8.36
C ASP A 72 4.69 -13.36 8.26
N ALA A 73 4.50 -12.89 7.04
CA ALA A 73 3.79 -11.67 6.75
C ALA A 73 2.29 -11.84 6.72
N GLN A 74 1.79 -13.07 6.67
CA GLN A 74 0.36 -13.26 6.45
C GLN A 74 -0.48 -13.04 7.68
N GLY A 75 -1.50 -12.19 7.53
CA GLY A 75 -2.44 -11.90 8.59
C GLY A 75 -3.92 -12.08 8.23
N TYR A 76 -4.22 -12.40 6.98
CA TYR A 76 -5.60 -12.54 6.50
C TYR A 76 -5.59 -13.71 5.54
N PRO A 77 -6.75 -14.35 5.36
CA PRO A 77 -6.76 -15.57 4.51
C PRO A 77 -6.56 -15.24 3.03
N ASN A 78 -5.84 -16.11 2.32
CA ASN A 78 -5.89 -16.08 0.86
CA ASN A 78 -5.79 -16.11 0.86
C ASN A 78 -5.34 -14.79 0.29
N THR A 79 -4.39 -14.16 0.97
CA THR A 79 -3.78 -12.96 0.45
C THR A 79 -2.56 -13.39 -0.36
N PRO A 80 -2.47 -12.95 -1.62
CA PRO A 80 -1.39 -13.45 -2.46
C PRO A 80 0.01 -13.08 -1.97
N GLY A 81 0.96 -13.90 -2.37
CA GLY A 81 2.37 -13.65 -2.14
C GLY A 81 3.12 -13.36 -3.43
N ILE A 82 4.39 -13.02 -3.29
CA ILE A 82 5.26 -12.86 -4.41
CA ILE A 82 5.29 -12.96 -4.46
C ILE A 82 6.68 -13.39 -4.06
N PHE A 83 6.72 -14.52 -3.36
CA PHE A 83 7.98 -15.11 -2.95
C PHE A 83 8.25 -16.48 -3.53
N THR A 84 7.26 -17.13 -4.15
CA THR A 84 7.50 -18.43 -4.79
C THR A 84 7.42 -18.29 -6.32
N GLN A 85 7.99 -19.24 -7.04
CA GLN A 85 7.92 -19.20 -8.48
CA GLN A 85 7.94 -19.25 -8.48
C GLN A 85 6.49 -19.31 -8.97
N ALA A 86 5.67 -20.11 -8.31
CA ALA A 86 4.29 -20.24 -8.76
C ALA A 86 3.57 -18.90 -8.58
N GLN A 87 3.83 -18.21 -7.48
CA GLN A 87 3.21 -16.91 -7.28
C GLN A 87 3.65 -15.91 -8.34
N ILE A 88 4.93 -15.93 -8.67
CA ILE A 88 5.45 -15.07 -9.72
C ILE A 88 4.75 -15.34 -11.02
N ALA A 89 4.59 -16.62 -11.38
CA ALA A 89 3.92 -16.95 -12.63
C ALA A 89 2.45 -16.53 -12.64
N GLY A 90 1.80 -16.66 -11.50
CA GLY A 90 0.42 -16.24 -11.39
C GLY A 90 0.29 -14.74 -11.58
N TRP A 91 1.15 -13.98 -10.91
CA TRP A 91 1.14 -12.52 -11.12
C TRP A 91 1.48 -12.14 -12.55
N ARG A 92 2.35 -12.91 -13.22
CA ARG A 92 2.69 -12.59 -14.61
C ARG A 92 1.45 -12.69 -15.50
N LYS A 93 0.55 -13.61 -15.20
CA LYS A 93 -0.70 -13.66 -15.94
C LYS A 93 -1.50 -12.39 -15.69
N VAL A 94 -1.52 -11.92 -14.44
CA VAL A 94 -2.22 -10.68 -14.11
C VAL A 94 -1.65 -9.49 -14.87
N THR A 95 -0.34 -9.31 -14.80
CA THR A 95 0.27 -8.12 -15.35
C THR A 95 0.24 -8.16 -16.88
N ASP A 96 0.40 -9.36 -17.45
CA ASP A 96 0.30 -9.48 -18.88
C ASP A 96 -1.10 -9.06 -19.33
N ALA A 97 -2.14 -9.47 -18.61
CA ALA A 97 -3.51 -9.13 -18.99
C ALA A 97 -3.77 -7.64 -18.85
N VAL A 98 -3.31 -7.03 -17.77
CA VAL A 98 -3.44 -5.60 -17.61
C VAL A 98 -2.73 -4.86 -18.74
N HIS A 99 -1.49 -5.24 -19.03
CA HIS A 99 -0.74 -4.58 -20.09
C HIS A 99 -1.41 -4.78 -21.46
N ALA A 100 -1.92 -5.97 -21.71
CA ALA A 100 -2.58 -6.23 -22.98
C ALA A 100 -3.81 -5.33 -23.14
N ASN A 101 -4.39 -4.89 -22.02
CA ASN A 101 -5.53 -3.97 -22.03
C ASN A 101 -5.12 -2.52 -21.97
N GLY A 102 -3.83 -2.25 -22.12
CA GLY A 102 -3.36 -0.87 -22.14
C GLY A 102 -3.20 -0.24 -20.77
N GLY A 103 -3.16 -1.06 -19.72
CA GLY A 103 -3.00 -0.55 -18.36
C GLY A 103 -1.59 -0.66 -17.84
N LYS A 104 -1.43 -0.19 -16.62
CA LYS A 104 -0.20 -0.31 -15.87
C LYS A 104 -0.54 -0.74 -14.45
N ILE A 105 0.41 -1.40 -13.79
CA ILE A 105 0.11 -1.96 -12.47
C ILE A 105 1.38 -2.07 -11.65
N PHE A 106 1.31 -1.60 -10.41
CA PHE A 106 2.34 -1.79 -9.40
C PHE A 106 1.83 -2.81 -8.41
N VAL A 107 2.73 -3.63 -7.89
CA VAL A 107 2.39 -4.50 -6.77
C VAL A 107 2.62 -3.80 -5.45
N GLN A 108 1.71 -4.00 -4.50
CA GLN A 108 1.91 -3.43 -3.18
C GLN A 108 2.58 -4.48 -2.27
N LEU A 109 3.82 -4.23 -1.85
CA LEU A 109 4.59 -5.19 -1.07
C LEU A 109 4.34 -5.03 0.42
N TRP A 110 3.93 -6.15 1.03
CA TRP A 110 3.35 -6.18 2.38
C TRP A 110 4.10 -7.07 3.34
N HIS A 111 4.28 -6.55 4.55
CA HIS A 111 4.51 -7.40 5.70
C HIS A 111 3.62 -6.83 6.79
N THR A 112 2.83 -7.69 7.44
CA THR A 112 1.84 -7.22 8.42
C THR A 112 2.41 -7.00 9.82
N GLY A 113 3.62 -7.43 10.08
CA GLY A 113 4.23 -7.24 11.40
C GLY A 113 3.35 -7.83 12.49
N ARG A 114 3.02 -7.01 13.50
CA ARG A 114 2.26 -7.50 14.64
C ARG A 114 0.82 -7.89 14.31
N VAL A 115 0.37 -7.61 13.09
CA VAL A 115 -0.98 -7.91 12.63
C VAL A 115 -1.00 -9.25 11.87
N ALA A 116 0.14 -9.93 11.82
CA ALA A 116 0.19 -11.29 11.24
C ALA A 116 -0.53 -12.23 12.19
N HIS A 117 -0.83 -13.43 11.72
CA HIS A 117 -1.37 -14.43 12.61
C HIS A 117 -0.78 -15.79 12.34
N PRO A 118 -0.26 -16.46 13.38
CA PRO A 118 0.48 -17.71 13.16
CA PRO A 118 0.49 -17.70 13.17
C PRO A 118 -0.35 -18.86 12.61
N HIS A 119 -1.67 -18.78 12.72
CA HIS A 119 -2.52 -19.74 12.02
C HIS A 119 -2.14 -19.90 10.54
N PHE A 120 -1.72 -18.82 9.92
CA PHE A 120 -1.41 -18.83 8.50
C PHE A 120 -0.03 -19.35 8.16
N PHE A 121 0.86 -19.48 9.15
CA PHE A 121 2.23 -19.89 8.86
C PHE A 121 2.80 -20.86 9.89
N GLY A 122 2.01 -21.85 10.23
CA GLY A 122 2.51 -22.99 10.96
C GLY A 122 2.91 -22.71 12.38
N GLY A 123 2.34 -21.67 12.97
CA GLY A 123 2.57 -21.43 14.39
C GLY A 123 3.85 -20.67 14.71
N GLY A 124 4.47 -20.07 13.70
CA GLY A 124 5.69 -19.32 13.89
C GLY A 124 5.51 -18.01 14.65
N ASP A 125 6.62 -17.32 14.86
CA ASP A 125 6.62 -16.05 15.59
C ASP A 125 6.05 -14.95 14.74
N VAL A 126 5.18 -14.16 15.35
CA VAL A 126 4.78 -12.89 14.79
C VAL A 126 5.87 -11.90 15.13
N LEU A 127 6.27 -11.07 14.17
CA LEU A 127 7.39 -10.15 14.31
C LEU A 127 6.92 -8.70 14.29
N ALA A 128 7.59 -7.86 15.08
CA ALA A 128 7.25 -6.45 15.10
C ALA A 128 8.41 -5.70 15.73
N PRO A 129 8.38 -4.37 15.69
CA PRO A 129 9.47 -3.62 16.35
C PRO A 129 9.54 -3.92 17.85
N SER A 130 8.40 -4.11 18.48
CA SER A 130 8.33 -4.27 19.93
C SER A 130 7.23 -5.28 20.26
N ALA A 131 7.33 -5.87 21.44
CA ALA A 131 6.40 -6.87 21.93
C ALA A 131 5.12 -6.19 22.43
N GLN A 132 4.41 -5.54 21.52
CA GLN A 132 3.22 -4.78 21.84
C GLN A 132 2.10 -5.36 21.02
N LYS A 133 1.23 -6.12 21.67
CA LYS A 133 0.14 -6.84 21.01
C LYS A 133 -0.98 -5.89 20.64
N ILE A 134 -1.61 -6.10 19.50
CA ILE A 134 -2.83 -5.36 19.21
C ILE A 134 -4.03 -6.08 19.83
N GLU A 135 -5.14 -5.36 19.99
CA GLU A 135 -6.34 -5.93 20.59
C GLU A 135 -7.07 -6.79 19.58
N GLY A 136 -7.70 -7.86 20.06
CA GLY A 136 -8.71 -8.54 19.26
C GLY A 136 -8.22 -9.74 18.47
N SER A 137 -8.87 -9.92 17.32
CA SER A 137 -8.75 -11.13 16.51
C SER A 137 -8.89 -10.79 15.05
N VAL A 138 -8.43 -11.70 14.22
CA VAL A 138 -8.43 -11.45 12.79
C VAL A 138 -9.88 -11.31 12.34
N PRO A 139 -10.21 -10.23 11.61
CA PRO A 139 -11.60 -10.10 11.15
CA PRO A 139 -11.60 -10.08 11.12
C PRO A 139 -11.98 -11.16 10.12
N ARG A 140 -13.26 -11.52 10.13
CA ARG A 140 -13.86 -12.45 9.17
C ARG A 140 -13.30 -13.88 9.28
N MET A 141 -12.69 -14.17 10.42
CA MET A 141 -12.17 -15.50 10.73
C MET A 141 -12.70 -15.91 12.08
N ARG A 142 -12.77 -17.21 12.28
CA ARG A 142 -13.20 -17.75 13.56
C ARG A 142 -12.06 -17.76 14.58
N GLU A 143 -12.15 -16.91 15.58
CA GLU A 143 -11.31 -17.04 16.80
C GLU A 143 -9.78 -17.09 16.60
N LEU A 144 -9.26 -16.24 15.74
CA LEU A 144 -7.81 -16.11 15.57
C LEU A 144 -7.35 -14.87 16.33
N THR A 145 -7.15 -15.04 17.63
CA THR A 145 -6.78 -13.92 18.45
CA THR A 145 -6.74 -13.98 18.53
C THR A 145 -5.32 -13.51 18.22
N TYR A 146 -5.12 -12.21 18.16
CA TYR A 146 -3.78 -11.68 17.91
C TYR A 146 -2.89 -12.05 19.07
N VAL A 147 -1.62 -12.19 18.78
CA VAL A 147 -0.66 -12.65 19.77
C VAL A 147 0.38 -11.58 20.02
N THR A 148 1.09 -11.71 21.13
CA THR A 148 2.17 -10.80 21.41
C THR A 148 3.31 -11.08 20.43
N PRO A 149 3.75 -10.05 19.71
CA PRO A 149 4.87 -10.26 18.79
C PRO A 149 6.18 -10.43 19.50
N LYS A 150 7.11 -11.05 18.79
CA LYS A 150 8.50 -11.01 19.19
C LYS A 150 9.10 -9.72 18.66
N ALA A 151 9.79 -8.99 19.52
CA ALA A 151 10.53 -7.83 19.06
C ALA A 151 11.66 -8.30 18.17
N VAL A 152 11.70 -7.81 16.94
CA VAL A 152 12.72 -8.26 16.01
C VAL A 152 14.11 -7.93 16.50
N THR A 153 15.04 -8.81 16.21
CA THR A 153 16.43 -8.51 16.45
C THR A 153 16.97 -7.78 15.23
N VAL A 154 18.16 -7.23 15.33
CA VAL A 154 18.78 -6.57 14.20
CA VAL A 154 18.79 -6.57 14.20
C VAL A 154 19.00 -7.57 13.07
N GLU A 155 19.28 -8.83 13.41
CA GLU A 155 19.42 -9.87 12.39
C GLU A 155 18.07 -10.15 11.69
N ASP A 156 16.98 -10.21 12.45
CA ASP A 156 15.65 -10.29 11.83
C ASP A 156 15.44 -9.14 10.86
N ILE A 157 15.81 -7.93 11.29
CA ILE A 157 15.61 -6.76 10.45
C ILE A 157 16.41 -6.89 9.17
N GLN A 158 17.67 -7.30 9.25
CA GLN A 158 18.46 -7.51 8.02
C GLN A 158 17.78 -8.49 7.08
N GLY A 159 17.23 -9.57 7.62
CA GLY A 159 16.52 -10.53 6.81
C GLY A 159 15.25 -9.99 6.20
N LEU A 160 14.55 -9.15 6.94
CA LEU A 160 13.34 -8.53 6.41
C LEU A 160 13.68 -7.57 5.27
N VAL A 161 14.73 -6.77 5.41
CA VAL A 161 15.13 -5.90 4.32
C VAL A 161 15.51 -6.73 3.08
N ARG A 162 16.28 -7.79 3.31
CA ARG A 162 16.65 -8.71 2.24
C ARG A 162 15.40 -9.26 1.54
N ASP A 163 14.39 -9.63 2.31
CA ASP A 163 13.22 -10.24 1.72
C ASP A 163 12.32 -9.22 1.02
N TYR A 164 12.28 -7.99 1.50
CA TYR A 164 11.62 -6.94 0.71
C TYR A 164 12.33 -6.76 -0.63
N ALA A 165 13.66 -6.76 -0.60
CA ALA A 165 14.45 -6.57 -1.81
C ALA A 165 14.24 -7.74 -2.77
N LYS A 166 14.24 -8.96 -2.26
CA LYS A 166 14.02 -10.13 -3.10
CA LYS A 166 14.01 -10.14 -3.09
C LYS A 166 12.62 -10.09 -3.71
N ALA A 167 11.62 -9.74 -2.92
CA ALA A 167 10.27 -9.60 -3.44
C ALA A 167 10.26 -8.57 -4.59
N ALA A 168 10.95 -7.45 -4.42
CA ALA A 168 11.05 -6.46 -5.50
C ALA A 168 11.74 -7.02 -6.74
N GLU A 169 12.82 -7.77 -6.58
CA GLU A 169 13.42 -8.40 -7.74
CA GLU A 169 13.46 -8.48 -7.70
C GLU A 169 12.43 -9.33 -8.44
N ASN A 170 11.61 -10.04 -7.67
CA ASN A 170 10.63 -10.93 -8.23
C ASN A 170 9.58 -10.20 -9.06
N VAL A 171 9.37 -8.91 -8.79
CA VAL A 171 8.34 -8.20 -9.54
C VAL A 171 8.74 -8.01 -10.98
N ILE A 172 10.03 -8.05 -11.29
CA ILE A 172 10.49 -7.95 -12.67
C ILE A 172 9.99 -9.18 -13.44
N GLU A 173 10.26 -10.36 -12.92
CA GLU A 173 9.81 -11.57 -13.57
CA GLU A 173 9.80 -11.59 -13.55
C GLU A 173 8.29 -11.64 -13.60
N ALA A 174 7.64 -11.09 -12.58
CA ALA A 174 6.19 -11.06 -12.55
C ALA A 174 5.60 -10.02 -13.49
N GLY A 175 6.44 -9.15 -14.05
CA GLY A 175 5.98 -8.22 -15.08
C GLY A 175 5.25 -6.98 -14.56
N PHE A 176 5.38 -6.64 -13.29
CA PHE A 176 4.80 -5.39 -12.83
C PHE A 176 5.58 -4.21 -13.40
N ASP A 177 4.96 -3.04 -13.41
CA ASP A 177 5.65 -1.81 -13.75
C ASP A 177 6.44 -1.23 -12.59
N GLY A 178 6.15 -1.69 -11.37
CA GLY A 178 6.83 -1.16 -10.21
C GLY A 178 6.20 -1.71 -8.94
N VAL A 179 6.63 -1.13 -7.83
CA VAL A 179 6.23 -1.52 -6.47
C VAL A 179 5.71 -0.30 -5.73
N GLU A 180 4.60 -0.48 -5.02
CA GLU A 180 4.26 0.43 -3.92
C GLU A 180 4.63 -0.30 -2.62
N ILE A 181 5.56 0.28 -1.86
CA ILE A 181 5.92 -0.30 -0.60
C ILE A 181 4.81 0.03 0.39
N HIS A 182 4.28 -0.98 1.08
CA HIS A 182 3.19 -0.73 2.02
C HIS A 182 3.77 -0.27 3.35
N GLY A 183 3.95 1.04 3.47
CA GLY A 183 4.42 1.64 4.69
C GLY A 183 3.32 2.26 5.53
N ALA A 184 2.10 1.79 5.35
CA ALA A 184 0.92 2.48 5.87
C ALA A 184 0.06 1.55 6.72
N ASN A 185 -1.03 2.12 7.22
CA ASN A 185 -2.16 1.41 7.79
C ASN A 185 -1.79 0.45 8.90
N GLY A 186 -0.77 0.79 9.69
CA GLY A 186 -0.43 0.00 10.87
C GLY A 186 0.34 -1.27 10.61
N TYR A 187 0.83 -1.49 9.39
CA TYR A 187 1.55 -2.72 9.08
C TYR A 187 3.05 -2.56 9.41
N LEU A 188 3.90 -3.49 8.99
CA LEU A 188 5.21 -3.57 9.61
C LEU A 188 6.02 -2.29 9.54
N ILE A 189 6.10 -1.69 8.37
CA ILE A 189 6.92 -0.49 8.22
C ILE A 189 6.31 0.65 9.05
N ASP A 190 4.99 0.80 8.99
CA ASP A 190 4.33 1.83 9.79
C ASP A 190 4.55 1.58 11.28
N GLN A 191 4.66 0.32 11.69
CA GLN A 191 4.93 -0.01 13.08
C GLN A 191 6.24 0.58 13.57
N PHE A 192 7.26 0.68 12.72
CA PHE A 192 8.49 1.33 13.15
C PHE A 192 8.36 2.85 13.29
N LEU A 193 7.41 3.43 12.57
CA LEU A 193 7.25 4.89 12.46
C LEU A 193 6.41 5.50 13.56
N HIS A 194 5.78 4.68 14.40
CA HIS A 194 4.87 5.18 15.44
C HIS A 194 5.30 4.69 16.79
N HIS A 195 5.17 5.56 17.79
CA HIS A 195 5.55 5.20 19.13
C HIS A 195 4.71 4.12 19.80
N ASP A 196 3.44 3.98 19.42
CA ASP A 196 2.62 2.97 20.05
C ASP A 196 3.26 1.60 19.85
N SER A 197 3.67 1.34 18.62
CA SER A 197 4.22 0.05 18.24
C SER A 197 5.73 -0.05 18.41
N ASN A 198 6.44 1.07 18.32
CA ASN A 198 7.89 1.06 18.36
C ASN A 198 8.38 1.65 19.69
N ARG A 199 8.68 0.77 20.62
CA ARG A 199 9.19 1.11 21.93
C ARG A 199 10.67 0.73 22.05
N ARG A 200 11.34 0.57 20.91
CA ARG A 200 12.73 0.13 20.92
C ARG A 200 13.66 1.16 21.48
N THR A 201 14.78 0.67 21.99
CA THR A 201 15.82 1.53 22.53
C THR A 201 17.15 1.38 21.80
N ASP A 202 17.15 0.68 20.67
CA ASP A 202 18.35 0.56 19.86
C ASP A 202 18.32 1.55 18.69
N GLU A 203 19.12 1.27 17.65
CA GLU A 203 19.23 2.17 16.54
C GLU A 203 18.00 2.20 15.66
N TYR A 204 17.00 1.39 15.99
CA TYR A 204 15.72 1.44 15.27
C TYR A 204 14.61 2.07 16.12
N GLY A 205 14.94 2.64 17.28
CA GLY A 205 13.91 3.27 18.08
C GLY A 205 14.29 4.60 18.66
N GLY A 206 13.30 5.27 19.25
CA GLY A 206 13.55 6.44 20.08
C GLY A 206 13.43 7.76 19.34
N THR A 207 14.34 7.99 18.43
CA THR A 207 14.45 9.25 17.73
C THR A 207 13.83 9.17 16.34
N PRO A 208 13.52 10.32 15.76
CA PRO A 208 12.99 10.31 14.39
C PRO A 208 13.91 9.59 13.41
N VAL A 209 15.22 9.85 13.48
CA VAL A 209 16.16 9.21 12.58
CA VAL A 209 16.16 9.21 12.55
C VAL A 209 16.14 7.71 12.74
N ASN A 210 16.10 7.25 14.00
CA ASN A 210 16.13 5.82 14.27
C ASN A 210 14.83 5.16 13.86
N MET A 211 13.70 5.79 14.18
CA MET A 211 12.43 5.20 13.84
C MET A 211 12.17 5.14 12.34
N SER A 212 12.77 6.07 11.60
CA SER A 212 12.70 6.11 10.14
C SER A 212 13.65 5.14 9.46
N ARG A 213 14.62 4.61 10.19
CA ARG A 213 15.71 3.83 9.61
C ARG A 213 15.20 2.62 8.84
N PHE A 214 14.29 1.84 9.42
CA PHE A 214 13.80 0.64 8.73
C PHE A 214 13.12 1.01 7.41
N ALA A 215 12.25 2.00 7.45
CA ALA A 215 11.56 2.40 6.24
C ALA A 215 12.57 2.78 5.16
N LEU A 216 13.58 3.57 5.53
CA LEU A 216 14.52 4.03 4.53
C LEU A 216 15.41 2.89 4.06
N GLU A 217 15.75 1.95 4.93
CA GLU A 217 16.53 0.79 4.47
CA GLU A 217 16.51 0.77 4.49
C GLU A 217 15.73 -0.04 3.45
N VAL A 218 14.46 -0.22 3.69
CA VAL A 218 13.62 -0.95 2.76
C VAL A 218 13.48 -0.21 1.44
N VAL A 219 13.19 1.10 1.50
CA VAL A 219 13.12 1.92 0.29
C VAL A 219 14.43 1.83 -0.51
N ASP A 220 15.56 2.01 0.17
CA ASP A 220 16.84 2.00 -0.52
C ASP A 220 17.18 0.63 -1.10
N ALA A 221 16.84 -0.43 -0.38
CA ALA A 221 17.12 -1.77 -0.88
C ALA A 221 16.29 -2.06 -2.13
N ILE A 222 15.06 -1.60 -2.14
CA ILE A 222 14.18 -1.85 -3.27
C ILE A 222 14.62 -0.97 -4.47
N ILE A 223 14.98 0.29 -4.22
CA ILE A 223 15.49 1.14 -5.31
C ILE A 223 16.72 0.47 -5.94
N ALA A 224 17.53 -0.19 -5.13
CA ALA A 224 18.73 -0.84 -5.64
C ALA A 224 18.40 -2.00 -6.58
N ARG A 225 17.22 -2.57 -6.44
CA ARG A 225 16.79 -3.67 -7.31
CA ARG A 225 16.78 -3.68 -7.31
C ARG A 225 16.04 -3.23 -8.56
N ILE A 226 15.12 -2.28 -8.40
CA ILE A 226 14.24 -1.93 -9.51
C ILE A 226 14.26 -0.47 -9.94
N GLY A 227 14.95 0.39 -9.21
CA GLY A 227 15.05 1.79 -9.58
C GLY A 227 14.01 2.67 -8.92
N HIS A 228 14.41 3.91 -8.68
CA HIS A 228 13.54 4.88 -8.04
C HIS A 228 12.28 5.18 -8.83
N ASP A 229 12.35 5.10 -10.16
CA ASP A 229 11.18 5.45 -10.98
C ASP A 229 10.08 4.43 -10.85
N ARG A 230 10.42 3.25 -10.31
CA ARG A 230 9.48 2.16 -10.17
C ARG A 230 9.14 1.87 -8.73
N THR A 231 9.48 2.80 -7.83
CA THR A 231 9.27 2.63 -6.40
C THR A 231 8.42 3.74 -5.83
N GLY A 232 7.26 3.38 -5.33
CA GLY A 232 6.43 4.29 -4.54
C GLY A 232 6.32 3.82 -3.11
N LEU A 233 5.74 4.67 -2.27
CA LEU A 233 5.63 4.33 -0.87
C LEU A 233 4.32 4.88 -0.34
N ARG A 234 3.54 4.03 0.34
CA ARG A 234 2.34 4.43 1.05
C ARG A 234 2.69 4.65 2.51
N ILE A 235 2.21 5.75 3.08
CA ILE A 235 2.45 6.11 4.47
C ILE A 235 1.16 6.55 5.15
N SER A 236 1.14 6.37 6.46
CA SER A 236 0.03 6.79 7.30
C SER A 236 0.56 7.62 8.47
N PRO A 237 0.81 8.92 8.25
CA PRO A 237 1.32 9.75 9.37
C PRO A 237 0.30 9.84 10.50
N GLY A 238 -0.99 9.75 10.16
CA GLY A 238 -2.07 9.76 11.15
C GLY A 238 -2.40 8.34 11.57
N ALA A 239 -2.32 8.07 12.86
CA ALA A 239 -2.63 6.75 13.40
C ALA A 239 -4.14 6.52 13.38
N TYR A 240 -4.58 5.38 12.85
CA TYR A 240 -6.02 5.09 12.85
C TYR A 240 -6.35 3.62 12.72
N PHE A 241 -5.49 2.86 12.09
CA PHE A 241 -5.77 1.45 11.86
CA PHE A 241 -5.71 1.47 11.73
C PHE A 241 -4.70 0.61 12.55
N ASN A 242 -5.19 -0.15 13.51
CA ASN A 242 -4.36 -0.93 14.44
C ASN A 242 -3.17 -0.14 14.98
N MET A 243 -3.41 1.10 15.38
CA MET A 243 -2.35 1.97 15.84
C MET A 243 -2.97 3.02 16.74
N ALA A 244 -2.53 3.04 17.99
CA ALA A 244 -2.88 4.12 18.90
C ALA A 244 -2.06 5.36 18.57
N SER A 245 -2.64 6.51 18.82
CA SER A 245 -1.98 7.75 18.50
C SER A 245 -0.94 8.10 19.55
N ASP A 246 0.00 8.91 19.13
CA ASP A 246 1.02 9.43 20.01
C ASP A 246 1.43 10.77 19.44
N SER A 247 1.40 11.79 20.28
CA SER A 247 1.68 13.16 19.84
C SER A 247 3.11 13.34 19.31
N ARG A 248 4.01 12.42 19.65
CA ARG A 248 5.40 12.48 19.21
C ARG A 248 5.63 11.94 17.80
N ASP A 249 4.61 11.31 17.23
CA ASP A 249 4.80 10.70 15.90
C ASP A 249 5.03 11.74 14.80
N ARG A 250 4.44 12.92 14.96
CA ARG A 250 4.56 13.94 13.91
C ARG A 250 6.03 14.24 13.59
N VAL A 251 6.89 14.35 14.60
CA VAL A 251 8.29 14.69 14.31
C VAL A 251 9.05 13.55 13.62
N VAL A 252 8.55 12.32 13.73
CA VAL A 252 9.11 11.22 12.96
C VAL A 252 8.87 11.48 11.49
N PHE A 253 7.64 11.85 11.13
CA PHE A 253 7.29 12.11 9.73
C PHE A 253 7.93 13.41 9.24
N ASP A 254 8.13 14.36 10.13
CA ASP A 254 8.78 15.62 9.74
C ASP A 254 10.22 15.31 9.25
N TYR A 255 10.86 14.29 9.86
CA TYR A 255 12.19 13.87 9.45
C TYR A 255 12.13 12.97 8.19
N LEU A 256 11.19 12.03 8.20
CA LEU A 256 11.11 11.05 7.13
C LEU A 256 10.83 11.67 5.76
N LEU A 257 9.92 12.63 5.71
CA LEU A 257 9.46 13.13 4.41
C LEU A 257 10.58 13.77 3.60
N PRO A 258 11.39 14.67 4.21
CA PRO A 258 12.49 15.21 3.41
C PRO A 258 13.52 14.14 3.01
N GLU A 259 13.72 13.13 3.86
CA GLU A 259 14.59 12.02 3.47
C GLU A 259 14.03 11.28 2.28
N LEU A 260 12.72 11.08 2.26
CA LEU A 260 12.10 10.40 1.12
C LEU A 260 12.24 11.22 -0.14
N GLU A 261 12.13 12.53 -0.01
CA GLU A 261 12.25 13.38 -1.19
CA GLU A 261 12.32 13.45 -1.13
C GLU A 261 13.63 13.20 -1.85
N LYS A 262 14.66 12.90 -1.08
CA LYS A 262 15.98 12.69 -1.65
C LYS A 262 16.03 11.47 -2.58
N ARG A 263 15.15 10.51 -2.36
CA ARG A 263 15.10 9.31 -3.18
C ARG A 263 14.35 9.48 -4.49
N ASP A 264 13.66 10.60 -4.67
CA ASP A 264 12.98 10.89 -5.94
C ASP A 264 12.11 9.70 -6.36
N LEU A 265 11.20 9.31 -5.48
CA LEU A 265 10.32 8.19 -5.68
C LEU A 265 9.32 8.45 -6.80
N ALA A 266 8.73 7.39 -7.32
CA ALA A 266 7.64 7.57 -8.27
C ALA A 266 6.48 8.33 -7.65
N PHE A 267 6.15 8.03 -6.39
CA PHE A 267 5.13 8.77 -5.67
C PHE A 267 5.20 8.39 -4.22
N VAL A 268 4.65 9.28 -3.39
CA VAL A 268 4.18 8.95 -2.05
C VAL A 268 2.67 8.94 -2.10
N HIS A 269 2.07 8.02 -1.35
CA HIS A 269 0.62 7.79 -1.37
C HIS A 269 0.17 7.77 0.08
N ILE A 270 -0.89 8.49 0.39
CA ILE A 270 -1.43 8.49 1.75
C ILE A 270 -2.24 7.23 1.97
N GLY A 271 -2.15 6.66 3.17
CA GLY A 271 -3.03 5.57 3.58
C GLY A 271 -4.02 6.07 4.63
N ILE A 272 -5.27 6.24 4.23
CA ILE A 272 -6.36 6.72 5.07
C ILE A 272 -7.65 6.26 4.41
N PHE A 273 -8.76 6.25 5.14
CA PHE A 273 -10.06 5.88 4.56
C PHE A 273 -10.94 7.09 4.28
N ASP A 274 -10.83 8.14 5.08
CA ASP A 274 -11.56 9.39 4.83
C ASP A 274 -10.61 10.57 5.07
N ASP A 275 -10.08 11.14 3.98
CA ASP A 275 -9.08 12.18 4.10
C ASP A 275 -9.72 13.50 4.50
N SER A 276 -11.04 13.56 4.66
CA SER A 276 -11.69 14.75 5.17
C SER A 276 -11.47 14.85 6.70
N ILE A 277 -11.00 13.77 7.33
CA ILE A 277 -10.72 13.76 8.77
C ILE A 277 -9.48 14.57 9.11
N GLU A 278 -9.57 15.41 10.12
CA GLU A 278 -8.41 16.16 10.59
C GLU A 278 -7.75 15.45 11.77
N PHE A 279 -6.42 15.43 11.76
CA PHE A 279 -5.61 14.92 12.86
C PHE A 279 -4.95 16.12 13.55
N ASP A 280 -5.27 16.31 14.83
CA ASP A 280 -4.73 17.43 15.62
C ASP A 280 -3.20 17.44 15.56
N TYR A 281 -2.62 16.25 15.71
CA TYR A 281 -1.17 16.08 15.75
C TYR A 281 -0.50 16.46 14.43
N LEU A 282 -1.25 16.40 13.34
CA LEU A 282 -0.69 16.77 12.04
C LEU A 282 -1.11 18.16 11.60
N GLY A 283 -1.87 18.85 12.44
CA GLY A 283 -2.38 20.17 12.12
C GLY A 283 -3.43 20.20 11.04
N GLY A 284 -4.12 19.08 10.82
CA GLY A 284 -5.11 19.01 9.75
C GLY A 284 -5.18 17.63 9.12
N THR A 285 -5.63 17.58 7.87
CA THR A 285 -5.78 16.31 7.17
C THR A 285 -4.41 15.70 6.90
N ALA A 286 -4.40 14.39 6.73
CA ALA A 286 -3.18 13.68 6.40
C ALA A 286 -2.57 14.18 5.09
N SER A 287 -3.36 14.34 4.05
CA SER A 287 -2.77 14.79 2.79
C SER A 287 -2.21 16.19 2.89
N SER A 288 -2.89 17.08 3.61
CA SER A 288 -2.39 18.46 3.70
C SER A 288 -1.07 18.49 4.49
N TYR A 289 -0.97 17.66 5.52
CA TYR A 289 0.27 17.54 6.29
C TYR A 289 1.41 17.08 5.38
N VAL A 290 1.17 16.04 4.59
CA VAL A 290 2.23 15.56 3.72
C VAL A 290 2.59 16.58 2.65
N ARG A 291 1.59 17.22 2.07
CA ARG A 291 1.82 18.19 1.02
C ARG A 291 2.65 19.36 1.54
N ALA A 292 2.48 19.69 2.82
CA ALA A 292 3.26 20.76 3.46
C ALA A 292 4.71 20.38 3.79
N HIS A 293 5.03 19.09 3.73
CA HIS A 293 6.35 18.60 4.10
C HIS A 293 7.04 17.78 3.01
N TYR A 294 6.44 17.72 1.83
CA TYR A 294 6.94 16.87 0.74
C TYR A 294 6.55 17.47 -0.58
N GLY A 295 7.51 17.68 -1.47
CA GLY A 295 7.27 18.47 -2.67
C GLY A 295 7.30 17.71 -3.98
N LYS A 296 7.09 16.41 -3.92
CA LYS A 296 7.04 15.60 -5.13
C LYS A 296 5.68 14.90 -5.25
N THR A 297 5.51 14.08 -6.28
CA THR A 297 4.19 13.55 -6.60
C THR A 297 3.55 12.89 -5.40
N LEU A 298 2.31 13.29 -5.15
CA LEU A 298 1.53 12.80 -4.03
C LEU A 298 0.21 12.22 -4.50
N VAL A 299 -0.11 11.01 -4.02
CA VAL A 299 -1.37 10.36 -4.31
C VAL A 299 -2.28 10.55 -3.11
N GLY A 300 -3.40 11.24 -3.34
CA GLY A 300 -4.45 11.35 -2.36
C GLY A 300 -5.43 10.19 -2.45
N VAL A 301 -6.17 9.97 -1.36
CA VAL A 301 -7.13 8.88 -1.27
C VAL A 301 -8.03 9.15 -0.09
N GLY A 302 -9.21 8.55 -0.11
CA GLY A 302 -10.00 8.40 1.08
C GLY A 302 -11.29 9.17 1.02
N SER A 303 -12.33 8.53 0.50
CA SER A 303 -13.69 9.09 0.48
C SER A 303 -13.84 10.27 -0.45
N TYR A 304 -12.98 10.33 -1.46
CA TYR A 304 -13.13 11.31 -2.52
C TYR A 304 -14.09 10.84 -3.58
N SER A 305 -14.96 11.74 -4.02
CA SER A 305 -15.68 11.53 -5.28
C SER A 305 -14.78 12.00 -6.41
N ALA A 306 -15.13 11.66 -7.65
CA ALA A 306 -14.40 12.18 -8.79
C ALA A 306 -14.39 13.70 -8.72
N GLU A 307 -15.55 14.28 -8.37
CA GLU A 307 -15.68 15.72 -8.26
C GLU A 307 -14.76 16.34 -7.18
N THR A 308 -14.75 15.79 -5.97
CA THR A 308 -13.92 16.39 -4.92
C THR A 308 -12.43 16.13 -5.16
N ALA A 309 -12.09 14.99 -5.79
CA ALA A 309 -10.70 14.72 -6.15
C ALA A 309 -10.23 15.70 -7.21
N SER A 310 -11.07 15.94 -8.20
CA SER A 310 -10.71 16.85 -9.28
C SER A 310 -10.45 18.25 -8.71
N LYS A 311 -11.32 18.69 -7.82
CA LYS A 311 -11.15 19.99 -7.18
CA LYS A 311 -11.15 19.98 -7.16
C LYS A 311 -9.88 20.04 -6.34
N ALA A 312 -9.61 18.98 -5.58
CA ALA A 312 -8.40 18.93 -4.76
C ALA A 312 -7.14 19.05 -5.63
N ILE A 313 -7.11 18.31 -6.73
CA ILE A 313 -5.97 18.35 -7.64
C ILE A 313 -5.85 19.74 -8.28
N ALA A 314 -6.97 20.35 -8.63
CA ALA A 314 -6.92 21.68 -9.23
C ALA A 314 -6.37 22.69 -8.21
N GLU A 315 -6.65 22.46 -6.94
CA GLU A 315 -6.17 23.31 -5.86
C GLU A 315 -4.77 22.92 -5.34
N ASP A 316 -4.10 22.02 -6.05
CA ASP A 316 -2.70 21.68 -5.72
C ASP A 316 -2.55 20.94 -4.39
N LYS A 317 -3.60 20.25 -3.96
CA LYS A 317 -3.58 19.49 -2.69
CA LYS A 317 -3.52 19.53 -2.69
C LYS A 317 -2.80 18.20 -2.85
N PHE A 318 -2.88 17.61 -4.03
CA PHE A 318 -2.17 16.39 -4.39
C PHE A 318 -2.27 16.25 -5.90
N ASP A 319 -1.63 15.24 -6.46
CA ASP A 319 -1.43 15.16 -7.91
C ASP A 319 -2.23 14.07 -8.59
N LEU A 320 -2.43 12.97 -7.87
CA LEU A 320 -3.11 11.79 -8.41
C LEU A 320 -4.14 11.36 -7.39
N ILE A 321 -5.21 10.73 -7.85
CA ILE A 321 -6.26 10.26 -6.93
C ILE A 321 -6.39 8.76 -7.03
N ALA A 322 -6.21 8.10 -5.90
CA ALA A 322 -6.53 6.69 -5.79
C ALA A 322 -7.98 6.56 -5.35
N ILE A 323 -8.64 5.59 -5.95
CA ILE A 323 -10.04 5.33 -5.71
C ILE A 323 -10.14 3.86 -5.30
N GLY A 324 -10.76 3.60 -4.16
CA GLY A 324 -10.84 2.26 -3.62
C GLY A 324 -12.21 1.64 -3.77
N ARG A 325 -13.04 1.85 -2.76
CA ARG A 325 -14.37 1.27 -2.73
C ARG A 325 -15.20 1.47 -4.01
N PRO A 326 -15.19 2.69 -4.60
CA PRO A 326 -15.96 2.85 -5.85
C PRO A 326 -15.44 1.98 -6.98
N PHE A 327 -14.18 1.58 -6.96
CA PHE A 327 -13.67 0.68 -7.98
C PHE A 327 -14.10 -0.77 -7.75
N ILE A 328 -14.50 -1.09 -6.53
CA ILE A 328 -15.11 -2.39 -6.29
C ILE A 328 -16.56 -2.38 -6.82
N ALA A 329 -17.31 -1.35 -6.43
CA ALA A 329 -18.72 -1.21 -6.81
C ALA A 329 -18.89 -0.96 -8.30
N ASN A 330 -17.86 -0.40 -8.95
CA ASN A 330 -17.93 -0.01 -10.35
C ASN A 330 -16.64 -0.41 -11.07
N PRO A 331 -16.62 -1.62 -11.64
CA PRO A 331 -15.40 -2.01 -12.39
C PRO A 331 -15.11 -1.02 -13.52
N ASP A 332 -16.17 -0.41 -14.05
CA ASP A 332 -16.09 0.54 -15.16
C ASP A 332 -16.02 1.98 -14.63
N TYR A 333 -15.51 2.15 -13.43
CA TYR A 333 -15.41 3.46 -12.79
C TYR A 333 -14.88 4.54 -13.74
N VAL A 334 -13.77 4.27 -14.41
CA VAL A 334 -13.13 5.30 -15.24
C VAL A 334 -14.04 5.75 -16.37
N ALA A 335 -14.64 4.78 -17.06
CA ALA A 335 -15.55 5.11 -18.16
C ALA A 335 -16.78 5.85 -17.68
N LYS A 336 -17.32 5.44 -16.53
CA LYS A 336 -18.50 6.12 -16.00
C LYS A 336 -18.18 7.55 -15.63
N VAL A 337 -17.03 7.77 -15.02
CA VAL A 337 -16.64 9.13 -14.66
C VAL A 337 -16.44 9.95 -15.94
N ARG A 338 -15.75 9.36 -16.92
CA ARG A 338 -15.50 10.03 -18.19
CA ARG A 338 -15.49 10.05 -18.18
C ARG A 338 -16.80 10.47 -18.87
N ASN A 339 -17.82 9.62 -18.76
CA ASN A 339 -19.10 9.88 -19.42
C ASN A 339 -20.20 10.44 -18.51
N SER A 340 -19.84 10.86 -17.29
CA SER A 340 -20.81 11.43 -16.37
C SER A 340 -21.99 10.50 -16.14
N GLU A 341 -21.72 9.21 -15.96
CA GLU A 341 -22.77 8.24 -15.73
C GLU A 341 -22.92 7.96 -14.24
N GLU A 342 -24.07 7.42 -13.84
CA GLU A 342 -24.37 7.14 -12.44
CA GLU A 342 -24.29 7.23 -12.41
C GLU A 342 -23.40 6.10 -11.90
N LEU A 343 -22.86 6.32 -10.70
CA LEU A 343 -21.99 5.32 -10.06
C LEU A 343 -22.75 4.66 -8.94
N VAL A 344 -22.59 3.34 -8.83
CA VAL A 344 -23.15 2.59 -7.72
C VAL A 344 -22.35 2.81 -6.42
N ALA A 345 -23.04 3.03 -5.31
CA ALA A 345 -22.37 3.17 -4.02
C ALA A 345 -21.89 1.82 -3.52
N TYR A 346 -20.71 1.81 -2.94
CA TYR A 346 -20.15 0.61 -2.35
C TYR A 346 -20.84 0.19 -1.08
N SER A 347 -20.98 -1.12 -0.93
CA SER A 347 -21.40 -1.75 0.31
CA SER A 347 -21.35 -1.70 0.36
C SER A 347 -20.41 -2.86 0.63
N ASP A 348 -20.18 -3.12 1.90
CA ASP A 348 -19.24 -4.14 2.33
C ASP A 348 -19.64 -5.51 1.81
N GLU A 349 -20.92 -5.71 1.53
CA GLU A 349 -21.46 -6.95 0.99
CA GLU A 349 -21.39 -6.99 1.03
C GLU A 349 -20.80 -7.32 -0.34
N MET A 350 -20.35 -6.30 -1.06
CA MET A 350 -19.76 -6.52 -2.37
C MET A 350 -18.44 -7.27 -2.30
N LEU A 351 -17.80 -7.33 -1.12
CA LEU A 351 -16.56 -8.06 -0.97
C LEU A 351 -16.72 -9.55 -1.15
N ALA A 352 -17.96 -10.05 -1.09
CA ALA A 352 -18.21 -11.48 -1.26
C ALA A 352 -17.94 -11.95 -2.68
N SER A 353 -17.89 -11.01 -3.63
CA SER A 353 -17.78 -11.31 -5.06
C SER A 353 -16.56 -10.67 -5.66
N LEU A 354 -15.87 -11.37 -6.55
CA LEU A 354 -14.69 -10.79 -7.18
C LEU A 354 -15.07 -10.50 -8.61
N ILE A 355 -15.47 -9.27 -8.84
CA ILE A 355 -15.95 -8.81 -10.13
C ILE A 355 -15.27 -7.48 -10.42
N1 FMN B . -5.03 -0.23 1.70
C2 FMN B . -3.79 -0.76 1.47
O2 FMN B . -2.78 -0.07 1.57
N3 FMN B . -3.64 -2.07 1.06
C4 FMN B . -4.69 -2.94 0.99
O4 FMN B . -4.50 -4.08 0.53
C4A FMN B . -5.94 -2.42 1.31
N5 FMN B . -7.03 -3.25 1.29
C5A FMN B . -8.29 -2.71 1.46
C6 FMN B . -9.38 -3.57 1.40
C7 FMN B . -10.66 -3.06 1.45
C7M FMN B . -11.83 -3.98 1.28
C8 FMN B . -10.85 -1.70 1.68
C8M FMN B . -12.22 -1.13 1.82
C9 FMN B . -9.76 -0.84 1.78
C9A FMN B . -8.46 -1.35 1.72
N10 FMN B . -7.34 -0.54 1.76
C10 FMN B . -6.09 -1.06 1.61
C1' FMN B . -7.52 0.92 1.88
C2' FMN B . -7.78 1.51 0.48
O2' FMN B . -6.60 1.47 -0.32
C3' FMN B . -8.21 2.97 0.57
O3' FMN B . -7.20 3.73 1.21
C4' FMN B . -9.54 3.19 1.29
O4' FMN B . -10.46 2.22 0.80
C5' FMN B . -10.06 4.61 1.09
O5' FMN B . -10.32 4.94 -0.27
P FMN B . -11.82 4.92 -0.82
O1P FMN B . -12.32 3.51 -0.74
O2P FMN B . -12.63 5.84 0.06
O3P FMN B . -11.71 5.41 -2.24
C1' HBA C . -16.04 -9.46 10.76
O1' HBA C . -15.28 -9.94 11.61
C1 HBA C . -15.99 -8.00 10.44
C2 HBA C . -16.61 -7.50 9.29
C3 HBA C . -16.54 -6.14 9.03
C4 HBA C . -15.87 -5.30 9.90
C5 HBA C . -15.27 -5.79 11.05
C6 HBA C . -15.32 -7.16 11.31
O4 HBA C . -15.80 -3.95 9.63
C1' HBA D . -7.86 -5.28 4.54
O1' HBA D . -9.00 -4.90 4.72
C1 HBA D . -6.78 -4.25 4.47
C2 HBA D . -5.53 -4.69 4.17
C3 HBA D . -4.49 -3.79 4.06
C4 HBA D . -4.69 -2.46 4.31
C5 HBA D . -5.95 -2.01 4.64
C6 HBA D . -6.99 -2.90 4.71
O4 HBA D . -3.70 -1.60 4.22
C1' HBA E . 9.53 -3.62 -12.16
O1' HBA E . 9.86 -2.99 -11.16
C1 HBA E . 10.39 -3.64 -13.37
C2 HBA E . 9.82 -4.14 -14.54
C3 HBA E . 10.54 -4.19 -15.72
C4 HBA E . 11.84 -3.76 -15.73
C5 HBA E . 12.42 -3.26 -14.56
C6 HBA E . 11.71 -3.20 -13.38
O4 HBA E . 12.54 -3.82 -16.92
C1' HBA F . 10.82 -16.56 3.36
O1' HBA F . 10.66 -17.17 4.40
C1 HBA F . 10.71 -17.26 2.04
C2 HBA F . 11.21 -16.65 0.91
C3 HBA F . 11.12 -17.29 -0.32
C4 HBA F . 10.54 -18.54 -0.42
C5 HBA F . 10.04 -19.15 0.71
C6 HBA F . 10.13 -18.53 1.94
O4 HBA F . 10.45 -19.17 -1.65
C1' HBA G . -22.11 -9.07 -4.00
O1' HBA G . -21.35 -9.24 -4.94
C1 HBA G . -22.98 -7.88 -3.94
C2 HBA G . -23.72 -7.71 -2.78
C3 HBA G . -24.55 -6.62 -2.65
C4 HBA G . -24.66 -5.69 -3.67
C5 HBA G . -23.94 -5.84 -4.84
C6 HBA G . -23.08 -6.94 -4.98
O4 HBA G . -25.53 -4.64 -3.44
C1 8K6 H . -12.45 -4.20 4.86
C2 8K6 H . -13.62 -3.28 4.85
C3 8K6 H . -13.63 -2.26 5.94
C4 8K6 H . -12.43 -2.22 6.82
C5 8K6 H . -12.58 -1.76 8.22
C6 8K6 H . -12.11 -0.38 8.55
C7 8K6 H . -10.68 -0.02 8.59
C8 8K6 H . -10.38 1.42 8.80
C9 8K6 H . -10.87 2.00 10.09
C10 8K6 H . -10.09 1.58 11.29
C11 8K6 H . -10.09 2.47 12.47
C12 8K6 H . -10.58 3.87 12.22
C13 8K6 H . -10.77 4.78 13.37
C14 8K6 H . -9.95 6.02 13.30
C15 8K6 H . -9.36 6.61 14.54
C16 8K6 H . -8.54 7.84 14.39
C17 8K6 H . -9.10 8.97 13.57
C18 8K6 H . -8.53 10.33 13.83
#